data_2DQK
#
_entry.id   2DQK
#
_cell.length_a   68.313
_cell.length_b   68.313
_cell.length_c   108.407
_cell.angle_alpha   90.00
_cell.angle_beta   90.00
_cell.angle_gamma   90.00
#
_symmetry.space_group_name_H-M   'P 43 21 2'
#
loop_
_entity.id
_entity.type
_entity.pdbx_description
1 polymer 'Proteinase K'
2 polymer VLLH
3 non-polymer 'CALCIUM ION'
4 non-polymer 'NITRATE ION'
5 water water
#
loop_
_entity_poly.entity_id
_entity_poly.type
_entity_poly.pdbx_seq_one_letter_code
_entity_poly.pdbx_strand_id
1 'polypeptide(L)'
;AAQTNAPWGLARISSTSPGTSTYYYDESAGQGSCVYVIDTGIEASHPEFEGRAQMVKTYYYSSRDGNGHGTHCAGTVGSR
TYGVAKKTQLFGVKVLDDNGSGQYSTIIAGMDFVASDKNNRNCPKGVVASLSLGGGYSSSVNSAAARLQSSGVMVAVAAG
NNNADARNYSPASEPSVCTVGASDRYDRRSSFSNYGSVLDIFGPGTDILSTWIGGSTRSISGTSMATPHVAGLAAYLMTL
GKTTAASACRYIADTANKGDLSNIPFGTVNLLAYNNYQA
;
A
2 'polypeptide(L)' VLLH P
#
# COMPACT_ATOMS: atom_id res chain seq x y z
N ALA A 1 7.32 -16.13 -13.43
CA ALA A 1 7.17 -15.04 -14.44
C ALA A 1 8.21 -13.97 -14.16
N ALA A 2 8.55 -13.20 -15.19
CA ALA A 2 9.56 -12.16 -15.04
C ALA A 2 9.21 -10.95 -15.87
N GLN A 3 9.23 -9.78 -15.25
CA GLN A 3 9.00 -8.56 -16.00
C GLN A 3 10.34 -7.86 -16.13
N THR A 4 10.85 -7.74 -17.36
CA THR A 4 12.15 -7.08 -17.55
C THR A 4 11.98 -5.57 -17.58
N ASN A 5 13.04 -4.84 -17.25
CA ASN A 5 13.00 -3.38 -17.22
C ASN A 5 11.83 -2.87 -16.39
N ALA A 6 11.59 -3.52 -15.26
CA ALA A 6 10.50 -3.13 -14.37
C ALA A 6 10.88 -1.89 -13.56
N PRO A 7 9.90 -1.17 -13.05
CA PRO A 7 10.19 -0.07 -12.11
C PRO A 7 11.09 -0.62 -10.99
N TRP A 8 12.02 0.20 -10.50
CA TRP A 8 12.98 -0.28 -9.53
C TRP A 8 12.38 -0.94 -8.28
N GLY A 9 11.25 -0.41 -7.80
CA GLY A 9 10.64 -0.91 -6.59
C GLY A 9 10.13 -2.34 -6.70
N LEU A 10 9.56 -2.68 -7.86
CA LEU A 10 9.10 -4.03 -8.11
C LEU A 10 10.29 -4.99 -8.13
N ALA A 11 11.34 -4.59 -8.84
CA ALA A 11 12.56 -5.40 -8.87
C ALA A 11 13.10 -5.61 -7.46
N ARG A 12 13.11 -4.55 -6.67
CA ARG A 12 13.67 -4.60 -5.31
C ARG A 12 12.97 -5.62 -4.43
N ILE A 13 11.65 -5.70 -4.52
CA ILE A 13 10.90 -6.61 -3.66
C ILE A 13 11.05 -8.08 -4.05
N SER A 14 11.68 -8.34 -5.18
CA SER A 14 11.92 -9.73 -5.59
C SER A 14 13.41 -10.04 -5.68
N SER A 15 14.21 -9.24 -5.00
CA SER A 15 15.66 -9.48 -4.99
C SER A 15 16.24 -9.35 -3.59
N THR A 16 17.35 -10.03 -3.34
CA THR A 16 18.03 -9.90 -2.05
C THR A 16 19.01 -8.74 -2.08
N SER A 17 19.21 -8.14 -3.26
CA SER A 17 20.12 -7.00 -3.39
C SER A 17 19.57 -5.89 -4.27
N PRO A 18 20.00 -4.65 -4.02
CA PRO A 18 19.55 -3.50 -4.82
C PRO A 18 20.22 -3.52 -6.18
N GLY A 19 19.75 -2.69 -7.10
CA GLY A 19 20.39 -2.59 -8.41
C GLY A 19 19.91 -3.49 -9.53
N THR A 20 18.95 -4.37 -9.28
CA THR A 20 18.45 -5.25 -10.34
C THR A 20 17.29 -4.57 -11.08
N SER A 21 16.92 -5.10 -12.24
CA SER A 21 15.88 -4.44 -13.03
C SER A 21 14.74 -5.37 -13.42
N THR A 22 14.81 -6.62 -13.00
CA THR A 22 13.78 -7.58 -13.35
C THR A 22 12.90 -7.90 -12.15
N TYR A 23 11.57 -7.86 -12.34
CA TYR A 23 10.64 -8.23 -11.28
C TYR A 23 10.25 -9.70 -11.45
N TYR A 24 10.64 -10.56 -10.52
CA TYR A 24 10.30 -11.97 -10.60
C TYR A 24 9.10 -12.25 -9.70
N TYR A 25 8.10 -12.96 -10.23
CA TYR A 25 6.90 -13.21 -9.44
C TYR A 25 6.13 -14.42 -9.96
N ASP A 26 5.33 -15.01 -9.08
CA ASP A 26 4.50 -16.14 -9.46
C ASP A 26 3.35 -15.69 -10.35
N GLU A 27 3.10 -16.44 -11.41
CA GLU A 27 2.04 -16.13 -12.37
C GLU A 27 0.64 -15.93 -11.77
N SER A 28 0.36 -16.55 -10.62
CA SER A 28 -0.94 -16.39 -9.97
C SER A 28 -1.24 -14.90 -9.79
N ALA A 29 -0.20 -14.14 -9.47
CA ALA A 29 -0.27 -12.69 -9.40
C ALA A 29 -1.41 -12.06 -8.58
N GLY A 30 -1.77 -12.66 -7.46
CA GLY A 30 -2.85 -12.10 -6.64
C GLY A 30 -4.26 -12.27 -7.17
N GLN A 31 -4.45 -13.15 -8.15
CA GLN A 31 -5.79 -13.42 -8.67
C GLN A 31 -6.67 -14.02 -7.57
N GLY A 32 -7.91 -13.57 -7.47
CA GLY A 32 -8.78 -14.05 -6.42
C GLY A 32 -8.72 -13.24 -5.14
N SER A 33 -7.76 -12.31 -5.05
CA SER A 33 -7.70 -11.41 -3.90
C SER A 33 -8.33 -10.05 -4.28
N CYS A 34 -8.62 -9.24 -3.27
CA CYS A 34 -9.17 -7.92 -3.51
C CYS A 34 -8.47 -6.90 -2.64
N VAL A 35 -8.18 -5.73 -3.22
CA VAL A 35 -7.55 -4.66 -2.47
C VAL A 35 -8.36 -3.37 -2.56
N TYR A 36 -8.72 -2.84 -1.41
CA TYR A 36 -9.44 -1.57 -1.34
C TYR A 36 -8.40 -0.45 -1.19
N VAL A 37 -8.44 0.54 -2.07
CA VAL A 37 -7.52 1.66 -2.00
C VAL A 37 -8.38 2.81 -1.50
N ILE A 38 -8.09 3.25 -0.29
CA ILE A 38 -8.87 4.28 0.38
C ILE A 38 -8.09 5.56 0.22
N ASP A 39 -8.53 6.41 -0.70
CA ASP A 39 -7.69 7.52 -1.11
C ASP A 39 -8.51 8.57 -1.88
N THR A 40 -7.95 9.18 -2.92
CA THR A 40 -8.67 10.21 -3.69
C THR A 40 -9.54 9.61 -4.79
N GLY A 41 -9.58 8.28 -4.87
CA GLY A 41 -10.32 7.58 -5.91
C GLY A 41 -9.38 6.89 -6.86
N ILE A 42 -9.93 6.26 -7.89
CA ILE A 42 -9.14 5.57 -8.90
C ILE A 42 -9.72 5.85 -10.28
N GLU A 43 -8.87 6.19 -11.23
CA GLU A 43 -9.34 6.34 -12.61
C GLU A 43 -9.48 4.93 -13.18
N ALA A 44 -10.66 4.34 -12.95
CA ALA A 44 -10.87 2.94 -13.29
C ALA A 44 -10.76 2.64 -14.78
N SER A 45 -10.90 3.67 -15.59
CA SER A 45 -10.82 3.51 -17.05
C SER A 45 -9.39 3.43 -17.59
N HIS A 46 -8.39 3.68 -16.74
CA HIS A 46 -7.00 3.59 -17.17
C HIS A 46 -6.72 2.20 -17.75
N PRO A 47 -6.19 2.16 -18.96
CA PRO A 47 -5.89 0.90 -19.66
C PRO A 47 -5.04 -0.06 -18.82
N GLU A 48 -4.21 0.50 -17.95
CA GLU A 48 -3.32 -0.31 -17.14
C GLU A 48 -4.04 -1.17 -16.10
N PHE A 49 -5.31 -0.87 -15.84
CA PHE A 49 -6.07 -1.65 -14.86
C PHE A 49 -6.82 -2.80 -15.52
N GLU A 50 -6.87 -2.80 -16.86
CA GLU A 50 -7.49 -3.89 -17.62
C GLU A 50 -8.91 -4.25 -17.18
N GLY A 51 -9.66 -3.28 -16.70
CA GLY A 51 -11.02 -3.56 -16.27
C GLY A 51 -11.13 -4.19 -14.90
N ARG A 52 -10.02 -4.30 -14.18
CA ARG A 52 -10.00 -4.91 -12.84
C ARG A 52 -10.18 -3.91 -11.70
N ALA A 53 -10.43 -2.66 -12.05
CA ALA A 53 -10.61 -1.61 -11.03
C ALA A 53 -12.03 -1.10 -11.09
N GLN A 54 -12.59 -0.75 -9.93
CA GLN A 54 -13.94 -0.26 -9.84
C GLN A 54 -14.10 0.66 -8.62
N MET A 55 -14.76 1.81 -8.80
CA MET A 55 -15.06 2.68 -7.68
C MET A 55 -16.32 2.11 -7.02
N VAL A 56 -16.29 1.99 -5.70
CA VAL A 56 -17.44 1.45 -4.98
C VAL A 56 -18.09 2.44 -4.03
N LYS A 57 -17.39 3.52 -3.71
CA LYS A 57 -17.95 4.50 -2.78
C LYS A 57 -17.22 5.84 -2.84
N THR A 58 -17.97 6.92 -2.79
CA THR A 58 -17.34 8.23 -2.66
C THR A 58 -18.05 9.03 -1.59
N TYR A 59 -17.31 9.91 -0.93
CA TYR A 59 -17.88 10.75 0.09
C TYR A 59 -17.99 12.18 -0.41
N TYR A 60 -17.78 12.36 -1.71
CA TYR A 60 -17.86 13.67 -2.33
C TYR A 60 -18.85 13.69 -3.49
N TYR A 61 -18.89 14.81 -4.20
CA TYR A 61 -19.86 14.99 -5.30
C TYR A 61 -19.70 14.02 -6.45
N SER A 62 -18.47 13.57 -6.68
CA SER A 62 -18.17 12.62 -7.75
C SER A 62 -17.27 11.50 -7.23
N SER A 63 -17.21 10.42 -8.00
CA SER A 63 -16.36 9.28 -7.66
C SER A 63 -15.04 9.37 -8.43
N ARG A 64 -14.92 10.40 -9.26
CA ARG A 64 -13.73 10.60 -10.08
C ARG A 64 -12.49 10.97 -9.25
N ASP A 65 -11.33 10.45 -9.63
CA ASP A 65 -10.08 10.88 -9.02
C ASP A 65 -9.63 12.14 -9.77
N GLY A 66 -9.84 13.31 -9.19
CA GLY A 66 -9.42 14.54 -9.84
C GLY A 66 -8.05 14.97 -9.36
N ASN A 67 -7.39 14.08 -8.61
CA ASN A 67 -6.09 14.40 -8.01
C ASN A 67 -4.93 13.65 -8.66
N GLY A 68 -5.01 12.31 -8.69
CA GLY A 68 -3.99 11.47 -9.29
C GLY A 68 -3.39 10.52 -8.26
N HIS A 69 -3.27 11.00 -7.04
CA HIS A 69 -2.66 10.23 -5.97
C HIS A 69 -3.24 8.81 -5.81
N GLY A 70 -4.56 8.72 -5.69
CA GLY A 70 -5.21 7.42 -5.54
C GLY A 70 -4.95 6.50 -6.71
N THR A 71 -5.00 7.04 -7.91
CA THR A 71 -4.72 6.26 -9.11
C THR A 71 -3.29 5.74 -9.07
N HIS A 72 -2.37 6.59 -8.58
CA HIS A 72 -0.96 6.21 -8.50
C HIS A 72 -0.78 5.03 -7.55
N CYS A 73 -1.35 5.14 -6.35
CA CYS A 73 -1.25 4.08 -5.36
C CYS A 73 -1.88 2.79 -5.86
N ALA A 74 -3.06 2.92 -6.45
CA ALA A 74 -3.74 1.74 -7.00
C ALA A 74 -2.88 1.06 -8.05
N GLY A 75 -2.17 1.84 -8.85
CA GLY A 75 -1.33 1.29 -9.91
C GLY A 75 -0.18 0.46 -9.35
N THR A 76 0.34 0.89 -8.23
CA THR A 76 1.43 0.17 -7.58
C THR A 76 0.93 -1.14 -6.98
N VAL A 77 -0.31 -1.13 -6.51
CA VAL A 77 -0.91 -2.36 -6.01
C VAL A 77 -1.10 -3.35 -7.15
N GLY A 78 -1.76 -2.93 -8.23
CA GLY A 78 -2.17 -3.91 -9.21
C GLY A 78 -2.33 -3.57 -10.67
N SER A 79 -1.62 -2.56 -11.17
CA SER A 79 -1.69 -2.28 -12.59
C SER A 79 -0.80 -3.31 -13.30
N ARG A 80 -1.03 -3.50 -14.59
CA ARG A 80 -0.25 -4.45 -15.39
C ARG A 80 1.25 -4.18 -15.34
N THR A 81 1.64 -2.97 -15.70
CA THR A 81 3.06 -2.65 -15.80
C THR A 81 3.70 -2.25 -14.47
N TYR A 82 2.96 -1.53 -13.64
CA TYR A 82 3.57 -0.98 -12.43
C TYR A 82 3.15 -1.59 -11.11
N GLY A 83 2.37 -2.66 -11.17
CA GLY A 83 1.80 -3.27 -9.98
C GLY A 83 2.49 -4.52 -9.47
N VAL A 84 2.41 -4.70 -8.16
CA VAL A 84 2.96 -5.88 -7.51
C VAL A 84 2.09 -7.10 -7.78
N ALA A 85 0.78 -6.95 -7.60
CA ALA A 85 -0.17 -8.05 -7.75
C ALA A 85 -0.98 -7.78 -9.00
N LYS A 86 -0.48 -8.25 -10.14
CA LYS A 86 -1.00 -7.85 -11.44
C LYS A 86 -2.37 -8.40 -11.85
N LYS A 87 -2.92 -9.32 -11.07
CA LYS A 87 -4.23 -9.85 -11.40
C LYS A 87 -5.23 -9.65 -10.27
N THR A 88 -4.89 -8.83 -9.29
CA THR A 88 -5.81 -8.62 -8.18
C THR A 88 -7.00 -7.74 -8.63
N GLN A 89 -8.05 -7.70 -7.83
CA GLN A 89 -9.20 -6.84 -8.05
C GLN A 89 -9.04 -5.60 -7.18
N LEU A 90 -9.24 -4.42 -7.77
CA LEU A 90 -9.07 -3.18 -7.04
C LEU A 90 -10.41 -2.48 -6.82
N PHE A 91 -10.65 -2.03 -5.60
CA PHE A 91 -11.85 -1.28 -5.28
C PHE A 91 -11.45 0.07 -4.75
N GLY A 92 -12.03 1.14 -5.28
CA GLY A 92 -11.68 2.47 -4.85
C GLY A 92 -12.71 3.04 -3.89
N VAL A 93 -12.22 3.64 -2.82
CA VAL A 93 -13.07 4.34 -1.85
C VAL A 93 -12.53 5.76 -1.73
N LYS A 94 -13.30 6.75 -2.19
CA LYS A 94 -12.82 8.13 -2.18
C LYS A 94 -13.16 8.86 -0.87
N VAL A 95 -12.20 8.89 0.04
CA VAL A 95 -12.36 9.60 1.30
C VAL A 95 -11.60 10.92 1.28
N LEU A 96 -10.74 11.12 0.29
CA LEU A 96 -10.00 12.39 0.16
C LEU A 96 -10.52 13.19 -1.02
N ASP A 97 -10.59 14.50 -0.88
CA ASP A 97 -11.05 15.36 -1.97
C ASP A 97 -9.96 15.50 -3.05
N ASP A 98 -10.26 16.24 -4.11
CA ASP A 98 -9.33 16.38 -5.21
C ASP A 98 -8.08 17.18 -4.89
N ASN A 99 -8.04 17.76 -3.70
CA ASN A 99 -6.84 18.45 -3.22
C ASN A 99 -6.04 17.52 -2.33
N GLY A 100 -6.59 16.32 -2.12
CA GLY A 100 -5.91 15.29 -1.35
C GLY A 100 -6.08 15.44 0.14
N SER A 101 -7.11 16.18 0.55
CA SER A 101 -7.35 16.39 1.96
C SER A 101 -8.69 15.81 2.38
N GLY A 102 -8.85 15.53 3.66
CA GLY A 102 -10.09 14.93 4.12
C GLY A 102 -10.22 15.00 5.63
N GLN A 103 -11.45 15.06 6.11
CA GLN A 103 -11.69 15.13 7.53
C GLN A 103 -11.65 13.73 8.14
N TYR A 104 -11.21 13.66 9.39
CA TYR A 104 -11.09 12.38 10.07
C TYR A 104 -12.39 11.59 10.12
N SER A 105 -13.52 12.27 10.26
CA SER A 105 -14.81 11.60 10.33
C SER A 105 -15.10 10.87 9.02
N THR A 106 -14.67 11.45 7.90
CA THR A 106 -14.88 10.84 6.59
C THR A 106 -13.97 9.62 6.40
N ILE A 107 -12.72 9.76 6.82
CA ILE A 107 -11.76 8.69 6.73
C ILE A 107 -12.20 7.49 7.57
N ILE A 108 -12.73 7.77 8.76
CA ILE A 108 -13.26 6.72 9.63
C ILE A 108 -14.46 6.02 8.98
N ALA A 109 -15.39 6.81 8.44
CA ALA A 109 -16.54 6.23 7.77
C ALA A 109 -16.09 5.31 6.62
N GLY A 110 -15.08 5.76 5.88
CA GLY A 110 -14.53 4.97 4.79
C GLY A 110 -13.99 3.63 5.25
N MET A 111 -13.31 3.59 6.39
CA MET A 111 -12.79 2.34 6.91
C MET A 111 -13.92 1.41 7.35
N ASP A 112 -14.89 1.94 8.09
CA ASP A 112 -16.04 1.15 8.50
C ASP A 112 -16.79 0.62 7.28
N PHE A 113 -16.86 1.45 6.24
CA PHE A 113 -17.53 1.01 5.01
C PHE A 113 -16.91 -0.25 4.44
N VAL A 114 -15.58 -0.25 4.32
CA VAL A 114 -14.85 -1.39 3.79
C VAL A 114 -15.07 -2.66 4.63
N ALA A 115 -15.07 -2.51 5.96
CA ALA A 115 -15.28 -3.65 6.83
C ALA A 115 -16.59 -4.37 6.51
N SER A 116 -17.62 -3.61 6.13
CA SER A 116 -18.92 -4.16 5.79
C SER A 116 -19.00 -4.59 4.33
N ASP A 117 -18.55 -3.72 3.43
CA ASP A 117 -18.65 -3.97 1.99
C ASP A 117 -18.00 -5.27 1.51
N LYS A 118 -16.90 -5.66 2.16
CA LYS A 118 -16.17 -6.85 1.77
C LYS A 118 -17.05 -8.08 1.88
N ASN A 119 -18.07 -8.01 2.73
CA ASN A 119 -18.98 -9.12 2.89
C ASN A 119 -19.86 -9.31 1.64
N ASN A 120 -19.94 -8.29 0.79
CA ASN A 120 -20.75 -8.40 -0.43
C ASN A 120 -19.94 -8.73 -1.67
N ARG A 121 -18.65 -9.02 -1.49
CA ARG A 121 -17.77 -9.23 -2.64
C ARG A 121 -17.18 -10.62 -2.67
N ASN A 122 -16.90 -11.08 -3.88
CA ASN A 122 -16.29 -12.38 -4.07
C ASN A 122 -14.76 -12.27 -4.08
N CYS A 123 -14.15 -12.46 -2.91
CA CYS A 123 -12.72 -12.35 -2.73
C CYS A 123 -12.22 -13.60 -2.02
N PRO A 124 -12.23 -14.73 -2.71
CA PRO A 124 -11.92 -16.02 -2.10
C PRO A 124 -10.54 -16.13 -1.46
N LYS A 125 -9.57 -15.37 -1.96
CA LYS A 125 -8.20 -15.45 -1.43
C LYS A 125 -7.92 -14.43 -0.32
N GLY A 126 -8.86 -13.52 -0.09
CA GLY A 126 -8.67 -12.56 0.97
C GLY A 126 -8.82 -11.11 0.58
N VAL A 127 -8.82 -10.25 1.60
CA VAL A 127 -9.06 -8.84 1.41
C VAL A 127 -7.96 -7.98 2.07
N VAL A 128 -7.53 -6.96 1.34
CA VAL A 128 -6.50 -6.04 1.79
C VAL A 128 -7.00 -4.61 1.68
N ALA A 129 -6.54 -3.73 2.55
CA ALA A 129 -6.89 -2.32 2.40
C ALA A 129 -5.61 -1.50 2.50
N SER A 130 -5.45 -0.56 1.58
CA SER A 130 -4.24 0.25 1.50
C SER A 130 -4.60 1.69 1.84
N LEU A 131 -3.98 2.20 2.90
CA LEU A 131 -4.27 3.56 3.36
C LEU A 131 -3.01 4.42 3.29
N SER A 132 -2.85 5.14 2.19
CA SER A 132 -1.71 6.02 2.01
C SER A 132 -2.11 7.43 2.44
N LEU A 133 -2.41 7.58 3.72
CA LEU A 133 -2.86 8.85 4.23
C LEU A 133 -2.58 8.90 5.72
N GLY A 134 -2.77 10.08 6.31
CA GLY A 134 -2.59 10.22 7.73
C GLY A 134 -2.49 11.67 8.15
N GLY A 135 -2.55 11.87 9.45
CA GLY A 135 -2.41 13.18 10.04
C GLY A 135 -1.98 13.01 11.49
N GLY A 136 -2.20 14.03 12.31
CA GLY A 136 -1.80 14.00 13.70
C GLY A 136 -2.54 12.92 14.48
N TYR A 137 -1.98 12.52 15.61
CA TYR A 137 -2.58 11.46 16.41
C TYR A 137 -4.07 11.64 16.68
N SER A 138 -4.81 10.56 16.56
CA SER A 138 -6.24 10.53 16.87
C SER A 138 -6.59 9.13 17.33
N SER A 139 -7.06 9.00 18.57
CA SER A 139 -7.40 7.67 19.05
C SER A 139 -8.59 7.11 18.27
N SER A 140 -9.44 7.99 17.74
CA SER A 140 -10.62 7.55 16.97
C SER A 140 -10.23 6.97 15.63
N VAL A 141 -9.24 7.59 14.99
CA VAL A 141 -8.75 7.11 13.71
C VAL A 141 -8.02 5.77 13.93
N ASN A 142 -7.23 5.71 14.98
CA ASN A 142 -6.54 4.45 15.30
C ASN A 142 -7.55 3.33 15.52
N SER A 143 -8.59 3.64 16.27
CA SER A 143 -9.61 2.64 16.59
C SER A 143 -10.30 2.13 15.32
N ALA A 144 -10.56 3.01 14.36
CA ALA A 144 -11.17 2.62 13.09
C ALA A 144 -10.27 1.67 12.31
N ALA A 145 -8.97 1.96 12.30
CA ALA A 145 -8.03 1.06 11.62
C ALA A 145 -7.97 -0.30 12.30
N ALA A 146 -8.03 -0.29 13.62
CA ALA A 146 -8.01 -1.51 14.41
C ALA A 146 -9.27 -2.34 14.16
N ARG A 147 -10.40 -1.67 13.99
CA ARG A 147 -11.64 -2.36 13.68
C ARG A 147 -11.57 -3.01 12.30
N LEU A 148 -11.03 -2.27 11.34
CA LEU A 148 -10.95 -2.78 9.98
C LEU A 148 -10.11 -4.07 9.95
N GLN A 149 -8.98 -4.02 10.66
CA GLN A 149 -8.05 -5.15 10.75
C GLN A 149 -8.73 -6.35 11.43
N SER A 150 -9.38 -6.07 12.56
CA SER A 150 -10.12 -7.07 13.32
C SER A 150 -11.20 -7.77 12.49
N SER A 151 -11.81 -7.02 11.58
CA SER A 151 -12.88 -7.57 10.74
C SER A 151 -12.39 -8.62 9.73
N GLY A 152 -11.08 -8.77 9.60
CA GLY A 152 -10.51 -9.75 8.70
C GLY A 152 -9.87 -9.18 7.45
N VAL A 153 -9.48 -7.91 7.51
CA VAL A 153 -8.86 -7.26 6.34
C VAL A 153 -7.42 -6.95 6.69
N MET A 154 -6.50 -7.22 5.77
CA MET A 154 -5.11 -6.89 5.99
C MET A 154 -4.95 -5.39 5.76
N VAL A 155 -4.67 -4.65 6.84
CA VAL A 155 -4.58 -3.20 6.74
C VAL A 155 -3.14 -2.70 6.67
N ALA A 156 -2.80 -2.01 5.59
CA ALA A 156 -1.46 -1.45 5.46
C ALA A 156 -1.58 0.06 5.45
N VAL A 157 -0.79 0.75 6.29
CA VAL A 157 -0.90 2.21 6.37
C VAL A 157 0.47 2.87 6.24
N ALA A 158 0.51 4.07 5.68
CA ALA A 158 1.79 4.76 5.55
C ALA A 158 2.29 5.26 6.90
N ALA A 159 3.59 5.23 7.09
CA ALA A 159 4.18 5.75 8.32
C ALA A 159 4.09 7.28 8.40
N GLY A 160 4.09 7.95 7.25
CA GLY A 160 4.06 9.41 7.22
C GLY A 160 5.39 9.98 6.73
N ASN A 161 5.38 11.24 6.29
CA ASN A 161 6.59 11.84 5.71
C ASN A 161 7.16 13.05 6.44
N ASN A 162 7.23 13.00 7.77
CA ASN A 162 7.74 14.13 8.52
C ASN A 162 9.13 13.89 9.07
N ASN A 163 9.78 12.80 8.64
CA ASN A 163 11.10 12.44 9.18
C ASN A 163 11.05 12.55 10.72
N ALA A 164 10.06 11.89 11.32
CA ALA A 164 9.84 11.92 12.76
C ALA A 164 9.32 10.57 13.25
N ASP A 165 9.14 10.45 14.55
CA ASP A 165 8.62 9.23 15.14
C ASP A 165 7.14 9.12 14.76
N ALA A 166 6.77 8.00 14.15
CA ALA A 166 5.40 7.80 13.71
C ALA A 166 4.39 7.66 14.86
N ARG A 167 4.87 7.58 16.10
CA ARG A 167 4.00 7.47 17.27
C ARG A 167 3.04 8.64 17.38
N ASN A 168 3.37 9.74 16.71
CA ASN A 168 2.56 10.95 16.82
C ASN A 168 1.60 11.14 15.66
N TYR A 169 1.43 10.09 14.87
CA TYR A 169 0.59 10.19 13.66
C TYR A 169 -0.39 9.03 13.58
N SER A 170 -1.50 9.25 12.90
CA SER A 170 -2.55 8.23 12.78
C SER A 170 -3.02 8.15 11.32
N PRO A 171 -3.41 6.95 10.85
CA PRO A 171 -3.42 5.72 11.66
C PRO A 171 -2.09 5.00 11.79
N ALA A 172 -0.99 5.63 11.41
CA ALA A 172 0.33 4.99 11.52
C ALA A 172 0.64 4.38 12.89
N SER A 173 0.22 5.09 13.95
CA SER A 173 0.56 4.68 15.30
C SER A 173 -0.29 3.56 15.90
N GLU A 174 -1.29 3.07 15.17
CA GLU A 174 -2.10 1.94 15.65
C GLU A 174 -1.26 0.67 15.53
N PRO A 175 -0.92 0.03 16.64
CA PRO A 175 -0.04 -1.14 16.60
C PRO A 175 -0.60 -2.31 15.80
N SER A 176 -1.91 -2.52 15.81
CA SER A 176 -2.48 -3.71 15.18
C SER A 176 -2.45 -3.78 13.65
N VAL A 177 -2.15 -2.65 12.99
CA VAL A 177 -2.09 -2.64 11.53
C VAL A 177 -0.64 -2.76 11.06
N CYS A 178 -0.42 -2.73 9.76
CA CYS A 178 0.94 -2.86 9.22
C CYS A 178 1.41 -1.47 8.78
N THR A 179 2.31 -0.88 9.55
CA THR A 179 2.80 0.47 9.30
C THR A 179 4.07 0.42 8.45
N VAL A 180 4.02 1.14 7.33
CA VAL A 180 5.05 1.04 6.30
C VAL A 180 5.91 2.30 6.11
N GLY A 181 7.22 2.13 6.26
CA GLY A 181 8.17 3.20 6.01
C GLY A 181 8.67 3.12 4.58
N ALA A 182 9.45 4.12 4.15
CA ALA A 182 9.91 4.16 2.75
C ALA A 182 11.42 4.08 2.62
N SER A 183 11.88 3.43 1.54
CA SER A 183 13.29 3.37 1.20
C SER A 183 13.53 3.84 -0.24
N ASP A 184 14.78 4.14 -0.58
CA ASP A 184 15.12 4.57 -1.93
C ASP A 184 15.91 3.48 -2.66
N ARG A 185 16.23 3.70 -3.93
CA ARG A 185 16.84 2.63 -4.71
C ARG A 185 18.26 2.24 -4.30
N TYR A 186 18.83 2.99 -3.38
CA TYR A 186 20.17 2.65 -2.88
C TYR A 186 20.08 2.02 -1.50
N ASP A 187 18.89 1.54 -1.15
CA ASP A 187 18.67 0.94 0.17
C ASP A 187 18.91 1.89 1.35
N ARG A 188 18.59 3.16 1.17
CA ARG A 188 18.66 4.09 2.30
C ARG A 188 17.24 4.38 2.72
N ARG A 189 17.02 4.66 4.01
CA ARG A 189 15.69 5.09 4.43
C ARG A 189 15.43 6.38 3.65
N SER A 190 14.25 6.53 3.09
CA SER A 190 13.93 7.75 2.35
C SER A 190 14.07 8.94 3.31
N SER A 191 14.59 10.05 2.80
CA SER A 191 14.90 11.18 3.68
C SER A 191 13.69 11.72 4.43
N PHE A 192 12.50 11.54 3.86
CA PHE A 192 11.27 12.03 4.45
C PHE A 192 10.54 11.00 5.30
N SER A 193 10.97 9.74 5.27
CA SER A 193 10.22 8.69 5.96
C SER A 193 10.20 8.79 7.48
N ASN A 194 9.01 8.65 8.05
CA ASN A 194 8.89 8.57 9.50
C ASN A 194 9.55 7.29 9.91
N TYR A 195 9.84 7.17 11.20
CA TYR A 195 10.52 6.01 11.73
C TYR A 195 9.91 5.74 13.10
N GLY A 196 10.50 4.81 13.84
CA GLY A 196 10.02 4.55 15.18
C GLY A 196 9.68 3.10 15.43
N SER A 197 9.44 2.78 16.69
CA SER A 197 9.16 1.41 17.10
C SER A 197 7.88 0.84 16.50
N VAL A 198 6.97 1.74 16.11
CA VAL A 198 5.68 1.30 15.57
C VAL A 198 5.77 0.83 14.11
N LEU A 199 6.83 1.18 13.41
CA LEU A 199 6.98 0.67 12.04
C LEU A 199 7.11 -0.84 12.03
N ASP A 200 6.47 -1.47 11.04
CA ASP A 200 6.53 -2.91 10.91
C ASP A 200 7.47 -3.37 9.80
N ILE A 201 7.61 -2.52 8.79
CA ILE A 201 8.30 -2.90 7.57
C ILE A 201 8.58 -1.67 6.71
N PHE A 202 9.57 -1.78 5.83
CA PHE A 202 9.86 -0.77 4.82
C PHE A 202 9.55 -1.29 3.42
N GLY A 203 9.23 -0.37 2.52
CA GLY A 203 9.03 -0.71 1.12
C GLY A 203 9.56 0.44 0.29
N PRO A 204 9.74 0.23 -1.01
CA PRO A 204 10.25 1.26 -1.90
C PRO A 204 9.30 2.46 -1.95
N GLY A 205 9.83 3.66 -1.73
CA GLY A 205 8.97 4.85 -1.68
C GLY A 205 9.51 6.10 -2.35
N THR A 206 10.75 6.07 -2.80
CA THR A 206 11.36 7.22 -3.47
C THR A 206 11.41 7.02 -4.98
N ASP A 207 10.86 7.97 -5.74
CA ASP A 207 10.88 7.93 -7.21
C ASP A 207 10.18 6.68 -7.76
N ILE A 208 8.90 6.55 -7.46
CA ILE A 208 8.11 5.39 -7.87
C ILE A 208 7.23 5.72 -9.07
N LEU A 209 7.45 5.02 -10.17
CA LEU A 209 6.68 5.23 -11.40
C LEU A 209 5.39 4.42 -11.32
N SER A 210 4.26 5.06 -11.63
CA SER A 210 2.99 4.36 -11.61
C SER A 210 1.97 5.12 -12.46
N THR A 211 0.73 4.65 -12.46
CA THR A 211 -0.36 5.28 -13.19
C THR A 211 -0.74 6.64 -12.64
N TRP A 212 -1.28 7.50 -13.51
CA TRP A 212 -1.74 8.82 -13.14
C TRP A 212 -3.00 9.12 -13.93
N ILE A 213 -3.73 10.17 -13.54
CA ILE A 213 -4.98 10.49 -14.23
C ILE A 213 -4.75 10.97 -15.67
N GLY A 214 -5.81 10.94 -16.46
CA GLY A 214 -5.68 11.29 -17.87
C GLY A 214 -4.96 10.19 -18.64
N GLY A 215 -5.03 8.96 -18.12
CA GLY A 215 -4.41 7.80 -18.76
C GLY A 215 -2.89 7.92 -18.90
N SER A 216 -2.26 8.58 -17.94
CA SER A 216 -0.82 8.83 -18.02
C SER A 216 -0.05 8.08 -16.93
N THR A 217 1.21 8.47 -16.75
CA THR A 217 2.05 7.90 -15.70
C THR A 217 2.91 9.00 -15.13
N ARG A 218 3.43 8.80 -13.93
CA ARG A 218 4.41 9.73 -13.40
C ARG A 218 5.11 9.14 -12.19
N SER A 219 6.24 9.73 -11.85
CA SER A 219 7.05 9.26 -10.74
C SER A 219 6.91 10.24 -9.57
N ILE A 220 6.49 9.74 -8.41
CA ILE A 220 6.40 10.56 -7.21
C ILE A 220 7.00 9.78 -6.05
N SER A 221 7.19 10.48 -4.93
CA SER A 221 7.84 9.88 -3.77
C SER A 221 7.00 10.02 -2.49
N GLY A 222 7.13 9.06 -1.58
CA GLY A 222 6.43 9.14 -0.30
C GLY A 222 6.20 7.79 0.38
N THR A 223 5.85 7.81 1.68
CA THR A 223 5.57 6.54 2.33
C THR A 223 4.23 6.09 1.72
N SER A 224 3.62 7.05 1.03
CA SER A 224 2.36 6.78 0.35
C SER A 224 2.63 5.83 -0.77
N MET A 225 3.87 5.86 -1.32
CA MET A 225 4.21 4.99 -2.42
C MET A 225 4.63 3.60 -1.94
N ALA A 226 5.21 3.57 -0.73
CA ALA A 226 5.70 2.32 -0.13
C ALA A 226 4.55 1.41 0.31
N THR A 227 3.51 2.04 0.87
CA THR A 227 2.35 1.31 1.38
C THR A 227 1.71 0.33 0.37
N PRO A 228 1.34 0.79 -0.83
CA PRO A 228 0.76 -0.11 -1.83
C PRO A 228 1.71 -1.24 -2.25
N HIS A 229 3.02 -1.07 -2.12
CA HIS A 229 3.95 -2.16 -2.42
C HIS A 229 3.67 -3.31 -1.46
N VAL A 230 3.50 -2.94 -0.18
CA VAL A 230 3.23 -3.91 0.89
C VAL A 230 1.81 -4.47 0.77
N ALA A 231 0.84 -3.60 0.48
CA ALA A 231 -0.54 -4.08 0.29
C ALA A 231 -0.59 -5.07 -0.89
N GLY A 232 0.05 -4.73 -2.00
CA GLY A 232 0.10 -5.64 -3.14
C GLY A 232 0.83 -6.94 -2.77
N LEU A 233 1.92 -6.84 -2.03
CA LEU A 233 2.65 -8.05 -1.64
C LEU A 233 1.77 -8.97 -0.80
N ALA A 234 1.03 -8.38 0.13
CA ALA A 234 0.12 -9.16 0.97
C ALA A 234 -0.90 -9.90 0.11
N ALA A 235 -1.52 -9.20 -0.84
CA ALA A 235 -2.52 -9.81 -1.70
C ALA A 235 -1.90 -10.99 -2.44
N TYR A 236 -0.69 -10.77 -2.95
CA TYR A 236 0.05 -11.79 -3.67
C TYR A 236 0.34 -13.04 -2.79
N LEU A 237 0.78 -12.83 -1.55
CA LEU A 237 1.06 -13.93 -0.64
C LEU A 237 -0.18 -14.71 -0.19
N MET A 238 -1.30 -14.01 -0.05
CA MET A 238 -2.56 -14.61 0.37
C MET A 238 -3.09 -15.51 -0.74
N THR A 239 -2.94 -15.06 -1.99
CA THR A 239 -3.37 -15.84 -3.13
C THR A 239 -2.55 -17.13 -3.22
N LEU A 240 -1.28 -17.04 -2.88
CA LEU A 240 -0.40 -18.20 -2.87
C LEU A 240 -0.67 -19.11 -1.69
N GLY A 241 -1.44 -18.61 -0.71
CA GLY A 241 -1.80 -19.41 0.44
C GLY A 241 -0.74 -19.46 1.52
N LYS A 242 0.21 -18.55 1.45
CA LYS A 242 1.31 -18.55 2.40
C LYS A 242 0.96 -17.91 3.75
N THR A 243 -0.07 -17.07 3.76
CA THR A 243 -0.45 -16.38 4.98
C THR A 243 -1.91 -15.93 4.90
N THR A 244 -2.43 -15.40 5.99
CA THR A 244 -3.82 -14.93 6.02
C THR A 244 -3.78 -13.45 6.32
N ALA A 245 -4.96 -12.82 6.31
CA ALA A 245 -5.07 -11.39 6.57
C ALA A 245 -4.61 -11.02 7.98
N ALA A 246 -4.93 -11.88 8.94
CA ALA A 246 -4.57 -11.64 10.33
C ALA A 246 -3.07 -11.70 10.56
N SER A 247 -2.35 -12.48 9.77
CA SER A 247 -0.94 -12.66 10.03
C SER A 247 0.01 -12.19 8.93
N ALA A 248 -0.53 -11.58 7.88
CA ALA A 248 0.30 -11.18 6.74
C ALA A 248 1.44 -10.23 7.10
N CYS A 249 1.17 -9.24 7.94
CA CYS A 249 2.20 -8.27 8.30
C CYS A 249 3.38 -8.98 8.98
N ARG A 250 3.05 -9.85 9.92
CA ARG A 250 4.03 -10.64 10.64
C ARG A 250 4.79 -11.54 9.67
N TYR A 251 4.07 -12.17 8.75
CA TYR A 251 4.70 -13.04 7.76
C TYR A 251 5.66 -12.23 6.88
N ILE A 252 5.23 -11.06 6.44
CA ILE A 252 6.09 -10.22 5.60
C ILE A 252 7.36 -9.79 6.36
N ALA A 253 7.20 -9.42 7.63
CA ALA A 253 8.36 -9.05 8.45
C ALA A 253 9.31 -10.22 8.66
N ASP A 254 8.73 -11.41 8.88
CA ASP A 254 9.52 -12.62 9.13
C ASP A 254 10.33 -13.05 7.89
N THR A 255 9.80 -12.79 6.70
CA THR A 255 10.45 -13.23 5.48
C THR A 255 11.16 -12.09 4.74
N ALA A 256 11.26 -10.96 5.40
CA ALA A 256 11.87 -9.77 4.81
C ALA A 256 13.37 -9.89 4.62
N ASN A 257 13.91 -9.01 3.79
CA ASN A 257 15.36 -8.84 3.76
C ASN A 257 15.71 -8.09 5.03
N LYS A 258 16.65 -8.62 5.81
CA LYS A 258 16.98 -8.02 7.11
C LYS A 258 18.35 -7.36 7.16
N GLY A 259 18.41 -6.14 7.68
CA GLY A 259 19.67 -5.44 7.86
C GLY A 259 20.31 -4.78 6.65
N ASP A 260 19.59 -4.71 5.54
CA ASP A 260 20.12 -4.15 4.30
C ASP A 260 19.98 -2.63 4.19
N LEU A 261 19.11 -2.03 5.00
CA LEU A 261 18.88 -0.60 4.90
C LEU A 261 19.87 0.24 5.71
N SER A 262 20.17 1.43 5.21
CA SER A 262 21.03 2.34 5.94
C SER A 262 20.21 3.52 6.42
N ASN A 263 20.78 4.28 7.36
CA ASN A 263 20.11 5.42 8.01
C ASN A 263 18.82 5.05 8.75
N ILE A 264 18.84 3.89 9.39
CA ILE A 264 17.73 3.45 10.20
C ILE A 264 18.11 3.76 11.64
N PRO A 265 17.32 4.62 12.29
CA PRO A 265 17.59 4.99 13.69
C PRO A 265 17.46 3.80 14.63
N PHE A 266 18.29 3.76 15.67
CA PHE A 266 18.20 2.68 16.64
C PHE A 266 16.76 2.60 17.15
N GLY A 267 16.21 1.39 17.24
CA GLY A 267 14.85 1.23 17.71
C GLY A 267 13.83 1.03 16.60
N THR A 268 14.27 1.23 15.37
CA THR A 268 13.39 1.05 14.22
C THR A 268 13.79 -0.24 13.51
N VAL A 269 12.82 -1.03 13.06
CA VAL A 269 13.12 -2.26 12.35
C VAL A 269 13.92 -2.00 11.08
N ASN A 270 14.88 -2.87 10.80
CA ASN A 270 15.63 -2.82 9.56
C ASN A 270 15.13 -4.00 8.73
N LEU A 271 13.96 -3.85 8.11
CA LEU A 271 13.33 -4.95 7.38
C LEU A 271 12.76 -4.37 6.09
N LEU A 272 13.01 -5.05 4.97
CA LEU A 272 12.56 -4.58 3.66
C LEU A 272 11.72 -5.65 3.00
N ALA A 273 10.50 -5.29 2.61
CA ALA A 273 9.56 -6.23 2.00
C ALA A 273 10.22 -7.05 0.88
N TYR A 274 9.97 -8.36 0.89
CA TYR A 274 10.61 -9.29 -0.05
C TYR A 274 9.68 -10.44 -0.37
N ASN A 275 9.54 -10.82 -1.64
CA ASN A 275 8.57 -11.87 -2.00
C ASN A 275 9.09 -13.31 -1.94
N ASN A 276 10.39 -13.48 -1.75
CA ASN A 276 10.99 -14.80 -1.66
C ASN A 276 10.68 -15.70 -2.85
N TYR A 277 10.61 -15.13 -4.03
CA TYR A 277 10.24 -15.93 -5.19
C TYR A 277 11.42 -16.78 -5.64
N GLN A 278 11.14 -18.04 -5.92
CA GLN A 278 12.17 -18.92 -6.48
C GLN A 278 11.55 -19.66 -7.66
N ALA A 279 12.16 -19.53 -8.83
CA ALA A 279 11.64 -20.16 -10.05
C ALA A 279 11.75 -21.68 -10.02
N VAL B 1 -6.87 14.06 5.70
CA VAL B 1 -6.32 15.36 6.15
C VAL B 1 -4.91 15.46 5.60
N LEU B 2 -4.78 15.22 4.31
CA LEU B 2 -3.46 15.03 3.76
C LEU B 2 -2.83 16.01 2.84
N LEU B 3 -2.57 15.35 1.73
CA LEU B 3 -1.67 15.69 0.67
C LEU B 3 -0.44 14.96 1.19
N HIS B 4 -0.51 13.63 1.15
CA HIS B 4 0.56 12.75 1.62
C HIS B 4 1.03 11.85 0.47
#